data_7PL2
#
_entry.id   7PL2
#
_cell.length_a   202.100
_cell.length_b   202.100
_cell.length_c   26.468
_cell.angle_alpha   90.000
_cell.angle_beta   90.000
_cell.angle_gamma   120.000
#
_symmetry.space_group_name_H-M   'P 6'
#
loop_
_entity.id
_entity.type
_entity.pdbx_description
1 polymer 'Putative endo-beta-N-acetylglucosaminidase'
2 non-polymer 'CHOLINE ION'
3 water water
#
_entity_poly.entity_id   1
_entity_poly.type   'polypeptide(L)'
_entity_poly.pdbx_seq_one_letter_code
;SDGTWQGKQYLKEDGSQAANEWVFDTHYQSWFYIKADANYAENEWLKQGDDYFYLKSGGYMAKSEWVEDKGAFYYLDQDG
KMKRNAWVGTSYVGATGAKVIEDWVYDSQYDAWFYIKADGQHAEKEWLQIKGKDYYFKSGGYLLTSQWINQAYVNASGAK
VQQGWLFDKQYQSWFYIKENGNYADKEWIFENGHYYYLKSGGYMAANEWIWDKESWFYLKFDGKIAEKEWVYDSHSQAWY
YFKSGGYMAANEWIWDKESWFYLKFDGKMAEKEWVYDSHSQAWYYFKSGGYMTANEWIWDKESWFYLKSDGKIAEKEWVY
DSHSQAWYYFKSGGYMTANEWIWDKESWFYLKSDGKMAEKEWVYDSHSQAWYYFKSGGYMAKNETVDGYQLGSDGKWLGG
KATNK
;
_entity_poly.pdbx_strand_id   A
#
# COMPACT_ATOMS: atom_id res chain seq x y z
N ASP A 2 31.34 -72.44 -27.82
CA ASP A 2 30.55 -72.50 -26.58
C ASP A 2 29.43 -73.57 -26.75
N GLY A 3 28.25 -73.13 -27.21
CA GLY A 3 27.12 -74.01 -27.43
C GLY A 3 26.69 -73.98 -28.89
N THR A 4 25.66 -74.78 -29.16
CA THR A 4 25.13 -74.92 -30.52
C THR A 4 23.63 -74.71 -30.49
N TRP A 5 23.14 -73.81 -31.36
CA TRP A 5 21.70 -73.63 -31.54
C TRP A 5 21.14 -74.81 -32.32
N GLN A 6 19.98 -75.29 -31.89
CA GLN A 6 19.25 -76.36 -32.55
C GLN A 6 17.80 -75.87 -32.52
N GLY A 7 17.45 -75.02 -33.48
CA GLY A 7 16.11 -74.46 -33.51
C GLY A 7 15.95 -73.52 -32.33
N LYS A 8 14.88 -73.72 -31.55
CA LYS A 8 14.68 -72.91 -30.35
C LYS A 8 15.61 -73.46 -29.28
N GLN A 9 16.17 -74.65 -29.40
CA GLN A 9 16.95 -75.19 -28.28
C GLN A 9 18.40 -74.79 -28.41
N TYR A 10 19.15 -74.96 -27.33
CA TYR A 10 20.54 -74.56 -27.15
C TYR A 10 21.27 -75.67 -26.41
N LEU A 11 21.91 -76.57 -27.15
CA LEU A 11 22.72 -77.67 -26.63
C LEU A 11 24.05 -77.11 -26.16
N LYS A 12 24.43 -77.27 -24.88
CA LYS A 12 25.67 -76.70 -24.38
C LYS A 12 26.81 -77.66 -24.68
N GLU A 13 28.02 -77.33 -24.18
CA GLU A 13 29.18 -78.17 -24.39
C GLU A 13 28.90 -79.61 -23.98
N ASP A 14 28.26 -79.79 -22.85
CA ASP A 14 28.08 -81.14 -22.29
C ASP A 14 26.86 -81.88 -22.84
N GLY A 15 26.14 -81.43 -23.87
CA GLY A 15 25.03 -82.22 -24.41
C GLY A 15 23.70 -81.84 -23.81
N SER A 16 23.63 -81.82 -22.50
CA SER A 16 22.45 -81.37 -21.76
C SER A 16 21.96 -80.06 -22.38
N GLN A 17 20.80 -80.02 -22.98
CA GLN A 17 20.22 -78.79 -23.51
C GLN A 17 20.00 -77.80 -22.38
N ALA A 18 20.30 -76.54 -22.65
CA ALA A 18 20.22 -75.47 -21.66
C ALA A 18 18.78 -75.06 -21.41
N ALA A 19 18.51 -74.63 -20.18
CA ALA A 19 17.18 -74.17 -19.80
C ALA A 19 17.23 -73.42 -18.47
N ASN A 20 16.47 -72.34 -18.37
CA ASN A 20 16.48 -71.48 -17.19
C ASN A 20 17.89 -70.95 -16.94
N GLU A 21 18.46 -70.38 -18.00
CA GLU A 21 19.80 -69.82 -17.90
C GLU A 21 20.06 -68.84 -19.02
N TRP A 22 20.91 -67.85 -18.75
CA TRP A 22 21.39 -66.95 -19.77
C TRP A 22 22.54 -67.62 -20.51
N VAL A 23 22.62 -67.36 -21.81
CA VAL A 23 23.74 -67.80 -22.64
C VAL A 23 24.15 -66.63 -23.51
N PHE A 24 25.45 -66.40 -23.66
CA PHE A 24 26.01 -65.36 -24.55
C PHE A 24 26.54 -66.08 -25.78
N ASP A 25 25.94 -65.89 -26.94
CA ASP A 25 26.43 -66.54 -28.15
C ASP A 25 27.26 -65.48 -28.85
N THR A 26 28.45 -65.83 -29.33
CA THR A 26 29.40 -64.85 -29.86
C THR A 26 29.16 -64.60 -31.33
N HIS A 27 28.52 -65.48 -32.07
CA HIS A 27 28.27 -65.23 -33.50
C HIS A 27 27.32 -64.05 -33.58
N TYR A 28 26.19 -64.16 -32.93
CA TYR A 28 25.12 -63.14 -32.86
C TYR A 28 25.54 -61.94 -32.03
N GLN A 29 26.50 -62.13 -31.15
CA GLN A 29 27.04 -61.16 -30.17
C GLN A 29 25.86 -60.64 -29.40
N SER A 30 25.19 -61.53 -28.73
CA SER A 30 23.98 -61.16 -28.01
C SER A 30 23.77 -62.08 -26.81
N TRP A 31 23.03 -61.56 -25.83
CA TRP A 31 22.55 -62.39 -24.74
C TRP A 31 21.18 -62.95 -25.11
N PHE A 32 20.97 -64.24 -24.80
CA PHE A 32 19.68 -64.87 -24.92
C PHE A 32 19.32 -65.51 -23.58
N TYR A 33 18.03 -65.74 -23.38
CA TYR A 33 17.55 -66.40 -22.19
C TYR A 33 16.77 -67.66 -22.59
N ILE A 34 17.25 -68.82 -22.14
CA ILE A 34 16.56 -70.07 -22.40
C ILE A 34 15.59 -70.30 -21.25
N LYS A 35 14.30 -70.39 -21.57
CA LYS A 35 13.24 -70.54 -20.59
C LYS A 35 13.35 -71.88 -19.86
N ALA A 36 12.37 -72.19 -19.00
CA ALA A 36 12.39 -73.45 -18.29
C ALA A 36 12.10 -74.63 -19.21
N ASP A 37 11.34 -74.39 -20.30
CA ASP A 37 10.97 -75.44 -21.26
C ASP A 37 12.03 -75.63 -22.35
N ALA A 38 13.28 -75.22 -22.10
CA ALA A 38 14.44 -75.38 -22.97
C ALA A 38 14.36 -74.57 -24.27
N ASN A 39 13.35 -73.72 -24.42
CA ASN A 39 13.24 -72.83 -25.56
C ASN A 39 13.79 -71.47 -25.19
N TYR A 40 14.32 -70.76 -26.18
CA TYR A 40 14.73 -69.38 -25.95
C TYR A 40 13.49 -68.51 -25.94
N ALA A 41 13.56 -67.45 -25.14
CA ALA A 41 12.46 -66.50 -25.00
C ALA A 41 12.54 -65.46 -26.10
N GLU A 42 11.39 -65.09 -26.65
CA GLU A 42 11.31 -64.03 -27.64
C GLU A 42 9.95 -63.34 -27.53
N ASN A 43 9.94 -62.02 -27.76
CA ASN A 43 8.72 -61.22 -27.73
C ASN A 43 8.04 -61.29 -26.36
N GLU A 44 8.83 -61.21 -25.28
CA GLU A 44 8.27 -61.33 -23.96
C GLU A 44 9.22 -60.75 -22.93
N TRP A 45 8.64 -60.38 -21.78
CA TRP A 45 9.39 -59.89 -20.64
C TRP A 45 9.83 -61.05 -19.76
N LEU A 46 11.00 -60.89 -19.14
CA LEU A 46 11.47 -61.82 -18.12
C LEU A 46 11.68 -61.08 -16.82
N LYS A 47 11.19 -61.64 -15.72
CA LYS A 47 11.48 -61.10 -14.39
C LYS A 47 12.49 -61.98 -13.68
N GLN A 48 13.62 -61.40 -13.33
CA GLN A 48 14.70 -62.08 -12.63
C GLN A 48 15.05 -61.19 -11.44
N GLY A 49 14.76 -61.67 -10.24
CA GLY A 49 14.96 -60.82 -9.09
C GLY A 49 13.92 -59.71 -9.08
N ASP A 50 14.39 -58.48 -8.89
CA ASP A 50 13.57 -57.29 -9.12
C ASP A 50 13.90 -56.66 -10.46
N ASP A 51 14.63 -57.36 -11.32
CA ASP A 51 15.05 -56.85 -12.62
C ASP A 51 14.11 -57.38 -13.70
N TYR A 52 13.84 -56.54 -14.70
CA TYR A 52 12.98 -56.89 -15.82
C TYR A 52 13.80 -56.75 -17.09
N PHE A 53 13.84 -57.82 -17.90
CA PHE A 53 14.48 -57.81 -19.21
C PHE A 53 13.39 -58.03 -20.26
N TYR A 54 13.70 -57.67 -21.50
CA TYR A 54 12.79 -57.91 -22.62
C TYR A 54 13.58 -58.54 -23.75
N LEU A 55 13.03 -59.59 -24.35
CA LEU A 55 13.69 -60.35 -25.40
C LEU A 55 12.92 -60.19 -26.72
N LYS A 56 13.60 -59.62 -27.72
CA LYS A 56 12.94 -59.22 -28.95
C LYS A 56 12.73 -60.43 -29.86
N SER A 57 12.14 -60.17 -31.03
CA SER A 57 11.96 -61.21 -32.03
C SER A 57 13.32 -61.80 -32.40
N GLY A 58 13.39 -63.13 -32.38
CA GLY A 58 14.65 -63.83 -32.53
C GLY A 58 15.33 -64.19 -31.23
N GLY A 59 14.90 -63.61 -30.12
CA GLY A 59 15.43 -63.89 -28.81
C GLY A 59 16.47 -62.90 -28.34
N TYR A 60 16.87 -61.97 -29.19
CA TYR A 60 17.89 -61.00 -28.82
C TYR A 60 17.43 -60.21 -27.60
N MET A 61 18.30 -60.10 -26.61
CA MET A 61 17.98 -59.30 -25.44
C MET A 61 18.05 -57.83 -25.82
N ALA A 62 16.98 -57.10 -25.47
CA ALA A 62 16.93 -55.66 -25.70
C ALA A 62 17.82 -54.95 -24.71
N LYS A 63 18.74 -54.15 -25.19
CA LYS A 63 19.66 -53.45 -24.29
C LYS A 63 19.84 -52.09 -24.95
N SER A 64 19.91 -51.02 -24.18
CA SER A 64 20.15 -49.63 -24.61
C SER A 64 19.17 -49.23 -25.71
N GLU A 65 17.88 -49.41 -25.40
CA GLU A 65 16.82 -49.08 -26.35
C GLU A 65 15.46 -49.09 -25.67
N TRP A 66 14.48 -48.50 -26.34
CA TRP A 66 13.13 -48.43 -25.82
C TRP A 66 12.31 -49.63 -26.30
N VAL A 67 11.23 -49.92 -25.55
CA VAL A 67 10.37 -51.08 -25.78
C VAL A 67 8.95 -50.66 -25.38
N GLU A 68 8.02 -50.58 -26.32
CA GLU A 68 6.63 -50.16 -26.14
C GLU A 68 5.77 -51.32 -25.65
N ASP A 69 5.26 -51.30 -24.43
CA ASP A 69 4.36 -52.34 -23.94
C ASP A 69 2.96 -51.76 -23.82
N LYS A 70 2.07 -52.15 -24.72
CA LYS A 70 0.65 -51.76 -24.71
C LYS A 70 0.45 -50.27 -24.38
N GLY A 71 1.12 -49.43 -25.18
CA GLY A 71 1.00 -47.98 -25.07
C GLY A 71 2.05 -47.31 -24.20
N ALA A 72 2.51 -47.97 -23.14
CA ALA A 72 3.55 -47.42 -22.28
C ALA A 72 4.92 -47.77 -22.84
N PHE A 73 5.90 -46.89 -22.55
CA PHE A 73 7.26 -47.05 -23.06
C PHE A 73 8.23 -47.27 -21.91
N TYR A 74 9.16 -48.21 -22.09
CA TYR A 74 10.13 -48.60 -21.08
C TYR A 74 11.53 -48.59 -21.68
N TYR A 75 12.54 -48.34 -20.84
CA TYR A 75 13.92 -48.27 -21.31
C TYR A 75 14.76 -49.37 -20.67
N LEU A 76 15.57 -50.04 -21.48
CA LEU A 76 16.45 -51.13 -21.05
C LEU A 76 17.89 -50.70 -21.20
N ASP A 77 18.65 -50.77 -20.10
CA ASP A 77 19.99 -50.21 -20.07
C ASP A 77 20.99 -51.17 -20.72
N GLN A 78 22.28 -50.84 -20.58
CA GLN A 78 23.33 -51.60 -21.26
C GLN A 78 23.37 -53.06 -20.81
N ASP A 79 23.00 -53.34 -19.57
CA ASP A 79 22.99 -54.70 -19.06
C ASP A 79 21.70 -55.43 -19.41
N GLY A 80 20.83 -54.83 -20.21
CA GLY A 80 19.53 -55.40 -20.52
C GLY A 80 18.45 -55.11 -19.49
N LYS A 81 18.79 -54.47 -18.39
CA LYS A 81 17.86 -54.23 -17.32
C LYS A 81 16.95 -53.06 -17.64
N MET A 82 15.77 -53.06 -17.07
CA MET A 82 14.81 -51.96 -17.20
C MET A 82 15.22 -50.92 -16.17
N LYS A 83 14.99 -49.66 -16.45
CA LYS A 83 15.34 -48.53 -15.61
C LYS A 83 14.12 -48.07 -14.79
N ARG A 84 14.41 -47.38 -13.68
CA ARG A 84 13.37 -46.95 -12.75
C ARG A 84 13.80 -45.63 -12.11
N ASN A 85 12.94 -44.63 -12.17
CA ASN A 85 13.25 -43.32 -11.58
C ASN A 85 14.63 -42.85 -12.05
N ALA A 86 14.78 -42.77 -13.37
CA ALA A 86 16.04 -42.41 -13.99
C ALA A 86 15.79 -41.59 -15.25
N TRP A 87 16.82 -40.83 -15.65
CA TRP A 87 16.76 -40.00 -16.83
C TRP A 87 17.31 -40.77 -18.02
N VAL A 88 16.50 -40.89 -19.07
CA VAL A 88 16.93 -41.43 -20.37
C VAL A 88 17.06 -40.23 -21.29
N GLY A 89 18.23 -39.60 -21.28
CA GLY A 89 18.46 -38.43 -22.12
C GLY A 89 17.69 -37.21 -21.66
N THR A 90 16.57 -36.93 -22.32
CA THR A 90 15.69 -35.83 -21.93
C THR A 90 14.34 -36.31 -21.41
N SER A 91 14.12 -37.61 -21.34
CA SER A 91 12.87 -38.15 -20.82
C SER A 91 13.12 -38.84 -19.49
N TYR A 92 12.02 -39.21 -18.82
CA TYR A 92 12.08 -39.75 -17.47
C TYR A 92 11.19 -40.97 -17.36
N VAL A 93 11.68 -41.99 -16.66
CA VAL A 93 10.93 -43.21 -16.38
C VAL A 93 10.62 -43.27 -14.89
N GLY A 94 9.36 -43.52 -14.56
CA GLY A 94 8.90 -43.59 -13.19
C GLY A 94 9.33 -44.87 -12.49
N ALA A 95 8.77 -45.06 -11.29
CA ALA A 95 9.14 -46.24 -10.51
C ALA A 95 8.60 -47.54 -11.13
N THR A 96 7.64 -47.45 -12.04
CA THR A 96 7.21 -48.61 -12.82
C THR A 96 8.00 -48.74 -14.11
N GLY A 97 8.93 -47.82 -14.36
CA GLY A 97 9.71 -47.81 -15.57
C GLY A 97 8.99 -47.22 -16.77
N ALA A 98 7.76 -46.77 -16.62
CA ALA A 98 7.02 -46.19 -17.72
C ALA A 98 7.51 -44.79 -18.03
N LYS A 99 7.60 -44.46 -19.33
CA LYS A 99 7.94 -43.09 -19.72
C LYS A 99 6.90 -42.11 -19.16
N VAL A 100 7.32 -41.11 -18.40
CA VAL A 100 6.42 -40.06 -17.88
C VAL A 100 6.20 -39.07 -19.00
N ILE A 101 4.97 -38.57 -19.17
CA ILE A 101 4.56 -37.61 -20.22
C ILE A 101 3.52 -36.73 -19.58
N GLU A 102 3.65 -35.40 -19.64
CA GLU A 102 2.71 -34.41 -19.07
C GLU A 102 2.56 -34.62 -17.58
N ASP A 103 3.62 -34.60 -16.75
CA ASP A 103 3.44 -34.70 -15.30
C ASP A 103 4.67 -34.11 -14.63
N TRP A 104 4.55 -33.90 -13.31
CA TRP A 104 5.65 -33.36 -12.54
C TRP A 104 6.60 -34.48 -12.13
N VAL A 105 7.85 -34.08 -11.88
CA VAL A 105 8.92 -35.01 -11.52
C VAL A 105 9.80 -34.35 -10.48
N TYR A 106 10.02 -35.05 -9.37
CA TYR A 106 11.02 -34.66 -8.39
C TYR A 106 12.16 -35.66 -8.42
N ASP A 107 13.39 -35.17 -8.57
CA ASP A 107 14.59 -36.02 -8.59
C ASP A 107 15.44 -35.70 -7.38
N SER A 108 15.56 -36.65 -6.46
CA SER A 108 16.30 -36.42 -5.22
C SER A 108 17.80 -36.27 -5.45
N GLN A 109 18.29 -36.74 -6.59
CA GLN A 109 19.71 -36.60 -6.96
C GLN A 109 20.00 -35.14 -7.27
N TYR A 110 19.11 -34.45 -7.94
CA TYR A 110 19.27 -33.04 -8.28
C TYR A 110 18.56 -32.13 -7.29
N ASP A 111 17.72 -32.69 -6.42
CA ASP A 111 16.98 -31.91 -5.44
C ASP A 111 16.22 -30.78 -6.13
N ALA A 112 15.45 -31.15 -7.14
CA ALA A 112 14.78 -30.15 -7.96
C ALA A 112 13.57 -30.79 -8.63
N TRP A 113 12.73 -29.93 -9.19
CA TRP A 113 11.53 -30.33 -9.88
C TRP A 113 11.73 -30.15 -11.39
N PHE A 114 11.10 -31.04 -12.15
CA PHE A 114 11.07 -30.92 -13.59
C PHE A 114 9.64 -31.22 -14.02
N TYR A 115 9.28 -30.72 -15.19
CA TYR A 115 8.00 -31.06 -15.80
C TYR A 115 8.27 -31.69 -17.16
N ILE A 116 7.68 -32.83 -17.40
CA ILE A 116 7.72 -33.49 -18.70
C ILE A 116 6.56 -33.00 -19.53
N LYS A 117 6.80 -32.74 -20.81
CA LYS A 117 5.82 -32.08 -21.64
C LYS A 117 5.01 -33.10 -22.45
N ALA A 118 4.18 -32.58 -23.38
CA ALA A 118 3.38 -33.43 -24.26
C ALA A 118 4.28 -34.27 -25.17
N ASP A 119 5.47 -33.77 -25.49
CA ASP A 119 6.41 -34.48 -26.36
C ASP A 119 7.32 -35.43 -25.59
N GLY A 120 7.03 -35.69 -24.32
CA GLY A 120 7.88 -36.54 -23.50
C GLY A 120 9.18 -35.91 -23.07
N GLN A 121 9.60 -34.80 -23.68
CA GLN A 121 10.78 -34.05 -23.27
C GLN A 121 10.46 -33.16 -22.09
N HIS A 122 11.47 -32.90 -21.28
CA HIS A 122 11.31 -32.03 -20.12
C HIS A 122 11.47 -30.57 -20.55
N ALA A 123 10.62 -29.71 -19.99
CA ALA A 123 10.68 -28.29 -20.30
C ALA A 123 12.04 -27.73 -19.92
N GLU A 124 12.46 -26.69 -20.65
CA GLU A 124 13.78 -26.12 -20.45
C GLU A 124 13.80 -24.68 -20.97
N LYS A 125 14.24 -23.76 -20.12
CA LYS A 125 14.44 -22.35 -20.48
C LYS A 125 13.16 -21.73 -21.05
N GLU A 126 12.04 -21.98 -20.39
CA GLU A 126 10.76 -21.58 -20.95
C GLU A 126 9.72 -21.43 -19.86
N TRP A 127 8.70 -20.64 -20.16
CA TRP A 127 7.56 -20.45 -19.27
C TRP A 127 6.46 -21.42 -19.68
N LEU A 128 5.86 -22.13 -18.74
CA LEU A 128 4.74 -23.02 -19.06
C LEU A 128 3.58 -22.71 -18.14
N GLN A 129 2.37 -22.79 -18.65
CA GLN A 129 1.11 -22.65 -17.90
C GLN A 129 0.59 -24.04 -17.60
N ILE A 130 0.78 -24.48 -16.35
CA ILE A 130 0.37 -25.81 -15.91
C ILE A 130 -0.85 -25.65 -15.00
N LYS A 131 -1.98 -26.20 -15.46
CA LYS A 131 -3.26 -26.15 -14.75
C LYS A 131 -3.47 -24.77 -14.10
N GLY A 132 -3.52 -23.75 -14.94
CA GLY A 132 -3.79 -22.41 -14.48
C GLY A 132 -2.56 -21.57 -14.25
N LYS A 133 -1.65 -22.05 -13.39
CA LYS A 133 -0.53 -21.26 -12.92
C LYS A 133 0.63 -21.31 -13.90
N ASP A 134 1.55 -20.35 -13.73
CA ASP A 134 2.70 -20.15 -14.61
C ASP A 134 3.98 -20.54 -13.87
N TYR A 135 4.77 -21.44 -14.47
CA TYR A 135 6.03 -21.89 -13.90
C TYR A 135 7.16 -21.69 -14.90
N TYR A 136 8.37 -21.43 -14.37
CA TYR A 136 9.54 -21.20 -15.21
C TYR A 136 10.63 -22.25 -14.98
N PHE A 137 11.24 -22.73 -16.07
CA PHE A 137 12.33 -23.70 -16.03
C PHE A 137 13.55 -23.12 -16.72
N LYS A 138 14.70 -23.20 -16.06
CA LYS A 138 15.92 -22.64 -16.60
C LYS A 138 16.66 -23.69 -17.41
N SER A 139 17.84 -23.33 -17.89
CA SER A 139 18.69 -24.29 -18.61
C SER A 139 18.95 -25.50 -17.74
N GLY A 140 18.67 -26.68 -18.29
CA GLY A 140 18.76 -27.91 -17.55
C GLY A 140 17.43 -28.50 -17.11
N GLY A 141 16.34 -27.71 -17.18
CA GLY A 141 15.02 -28.18 -16.83
C GLY A 141 14.61 -27.95 -15.40
N TYR A 142 15.53 -27.48 -14.56
CA TYR A 142 15.23 -27.24 -13.16
C TYR A 142 14.14 -26.19 -13.02
N LEU A 143 13.19 -26.45 -12.12
CA LEU A 143 12.12 -25.49 -11.87
C LEU A 143 12.63 -24.42 -10.91
N LEU A 144 12.39 -23.14 -11.22
CA LEU A 144 12.84 -22.03 -10.38
C LEU A 144 11.81 -21.82 -9.27
N THR A 145 12.27 -21.50 -8.07
CA THR A 145 11.50 -21.34 -6.83
C THR A 145 12.02 -20.09 -6.11
N SER A 146 11.17 -19.61 -5.20
CA SER A 146 11.28 -18.47 -4.29
C SER A 146 12.35 -17.51 -4.76
N GLN A 147 12.04 -16.74 -5.78
CA GLN A 147 12.85 -15.65 -6.37
C GLN A 147 12.09 -14.76 -7.33
N TRP A 148 12.70 -13.68 -7.75
CA TRP A 148 12.15 -12.68 -8.69
C TRP A 148 12.55 -12.99 -10.12
N ILE A 149 11.63 -13.07 -11.04
CA ILE A 149 11.96 -13.15 -12.51
C ILE A 149 11.42 -11.89 -13.18
N ASN A 150 12.25 -11.00 -13.74
CA ASN A 150 11.85 -9.71 -14.36
C ASN A 150 10.87 -9.00 -13.44
N GLN A 151 9.55 -8.91 -13.70
CA GLN A 151 8.65 -8.19 -12.80
C GLN A 151 7.75 -9.17 -12.07
N ALA A 152 8.05 -10.45 -12.09
CA ALA A 152 7.22 -11.42 -11.42
C ALA A 152 8.00 -12.09 -10.30
N TYR A 153 7.25 -12.68 -9.37
CA TYR A 153 7.84 -13.41 -8.26
C TYR A 153 7.21 -14.77 -8.23
N VAL A 154 8.05 -15.80 -8.13
CA VAL A 154 7.61 -17.20 -8.07
C VAL A 154 7.81 -17.65 -6.64
N ASN A 155 6.74 -18.14 -6.02
CA ASN A 155 6.79 -18.54 -4.63
C ASN A 155 7.61 -19.82 -4.46
N ALA A 156 7.71 -20.27 -3.22
CA ALA A 156 8.49 -21.47 -2.91
C ALA A 156 8.03 -22.68 -3.72
N SER A 157 6.86 -22.62 -4.31
CA SER A 157 6.31 -23.75 -5.10
C SER A 157 6.58 -23.57 -6.58
N GLY A 158 7.29 -22.54 -7.00
CA GLY A 158 7.56 -22.30 -8.39
C GLY A 158 6.45 -21.61 -9.14
N ALA A 159 5.28 -21.48 -8.54
CA ALA A 159 4.17 -20.80 -9.20
C ALA A 159 4.36 -19.28 -9.17
N LYS A 160 3.91 -18.63 -10.24
CA LYS A 160 3.91 -17.17 -10.28
C LYS A 160 2.88 -16.62 -9.31
N VAL A 161 3.27 -15.63 -8.54
CA VAL A 161 2.30 -14.95 -7.70
C VAL A 161 1.45 -14.05 -8.57
N GLN A 162 0.13 -14.08 -8.34
CA GLN A 162 -0.82 -13.22 -9.05
C GLN A 162 -1.79 -12.64 -8.03
N GLN A 163 -1.96 -11.32 -8.06
CA GLN A 163 -2.83 -10.58 -7.15
C GLN A 163 -2.53 -10.92 -5.70
N GLY A 164 -1.35 -10.52 -5.26
CA GLY A 164 -0.91 -10.82 -3.92
C GLY A 164 0.10 -9.82 -3.40
N TRP A 165 0.21 -9.81 -2.06
CA TRP A 165 1.17 -8.97 -1.33
C TRP A 165 2.31 -9.85 -0.85
N LEU A 166 3.55 -9.41 -1.04
CA LEU A 166 4.72 -10.16 -0.57
C LEU A 166 5.72 -9.18 0.02
N PHE A 167 6.48 -9.59 1.01
CA PHE A 167 7.48 -8.78 1.68
C PHE A 167 8.86 -9.35 1.38
N ASP A 168 9.71 -8.55 0.74
CA ASP A 168 11.08 -8.93 0.47
C ASP A 168 11.95 -8.52 1.65
N LYS A 169 12.52 -9.51 2.33
CA LYS A 169 13.29 -9.22 3.54
C LYS A 169 14.63 -8.59 3.22
N GLN A 170 15.18 -8.88 2.02
CA GLN A 170 16.50 -8.35 1.64
C GLN A 170 16.39 -6.92 1.10
N TYR A 171 15.25 -6.58 0.50
CA TYR A 171 14.99 -5.21 0.08
C TYR A 171 14.36 -4.39 1.19
N GLN A 172 13.66 -5.04 2.12
CA GLN A 172 12.97 -4.37 3.22
C GLN A 172 11.87 -3.46 2.68
N SER A 173 11.04 -4.02 1.83
CA SER A 173 9.88 -3.30 1.28
C SER A 173 8.77 -4.26 0.94
N TRP A 174 7.54 -3.77 0.92
CA TRP A 174 6.36 -4.51 0.50
C TRP A 174 6.14 -4.30 -0.99
N PHE A 175 5.69 -5.36 -1.67
CA PHE A 175 5.28 -5.29 -3.06
C PHE A 175 3.92 -5.93 -3.20
N TYR A 176 3.12 -5.42 -4.14
CA TYR A 176 1.87 -6.04 -4.55
C TYR A 176 2.05 -6.60 -5.95
N ILE A 177 1.77 -7.88 -6.13
CA ILE A 177 1.83 -8.49 -7.47
C ILE A 177 0.45 -8.42 -8.10
N LYS A 178 0.38 -7.85 -9.31
CA LYS A 178 -0.89 -7.59 -9.97
C LYS A 178 -1.52 -8.91 -10.45
N GLU A 179 -2.73 -8.81 -11.01
CA GLU A 179 -3.34 -9.97 -11.62
C GLU A 179 -2.50 -10.47 -12.78
N ASN A 180 -1.91 -9.55 -13.54
CA ASN A 180 -1.13 -9.93 -14.72
C ASN A 180 0.20 -10.57 -14.36
N GLY A 181 0.61 -10.53 -13.09
CA GLY A 181 1.82 -11.19 -12.62
C GLY A 181 2.98 -10.27 -12.32
N ASN A 182 2.97 -9.05 -12.87
CA ASN A 182 3.98 -8.04 -12.61
C ASN A 182 3.59 -7.24 -11.37
N TYR A 183 4.58 -6.66 -10.71
CA TYR A 183 4.30 -5.91 -9.50
C TYR A 183 3.66 -4.56 -9.85
N ALA A 184 2.92 -4.02 -8.89
CA ALA A 184 2.32 -2.70 -9.04
C ALA A 184 3.41 -1.64 -9.14
N ASP A 185 3.16 -0.63 -9.95
CA ASP A 185 4.14 0.43 -10.23
C ASP A 185 3.42 1.76 -10.35
N LYS A 186 3.66 2.65 -9.40
CA LYS A 186 3.03 3.97 -9.40
C LYS A 186 1.53 3.87 -9.55
N GLU A 187 0.91 3.22 -8.55
CA GLU A 187 -0.53 3.09 -8.55
C GLU A 187 -1.04 2.75 -7.16
N TRP A 188 -2.35 3.00 -6.97
CA TRP A 188 -3.01 2.74 -5.71
C TRP A 188 -3.61 1.34 -5.74
N ILE A 189 -3.53 0.66 -4.61
CA ILE A 189 -4.04 -0.70 -4.45
C ILE A 189 -4.93 -0.73 -3.22
N PHE A 190 -6.06 -1.41 -3.33
CA PHE A 190 -7.02 -1.52 -2.24
C PHE A 190 -6.90 -2.89 -1.61
N GLU A 191 -6.59 -2.93 -0.32
CA GLU A 191 -6.41 -4.18 0.39
C GLU A 191 -7.07 -4.11 1.75
N ASN A 192 -8.05 -4.97 1.96
CA ASN A 192 -8.76 -5.09 3.22
C ASN A 192 -9.18 -3.73 3.77
N GLY A 193 -9.92 -3.00 2.95
CA GLY A 193 -10.53 -1.76 3.40
C GLY A 193 -9.63 -0.55 3.45
N HIS A 194 -8.41 -0.64 2.92
CA HIS A 194 -7.45 0.45 3.00
C HIS A 194 -6.67 0.57 1.70
N TYR A 195 -6.20 1.77 1.42
CA TYR A 195 -5.51 2.11 0.19
C TYR A 195 -4.01 2.26 0.41
N TYR A 196 -3.24 1.71 -0.51
CA TYR A 196 -1.79 1.72 -0.45
C TYR A 196 -1.29 2.23 -1.79
N TYR A 197 -0.17 2.94 -1.77
CA TYR A 197 0.43 3.46 -2.99
C TYR A 197 1.79 2.79 -3.21
N LEU A 198 1.96 2.17 -4.39
CA LEU A 198 3.22 1.56 -4.77
C LEU A 198 4.01 2.52 -5.64
N LYS A 199 5.30 2.64 -5.34
CA LYS A 199 6.15 3.65 -5.94
C LYS A 199 6.80 3.14 -7.21
N SER A 200 7.67 3.97 -7.80
CA SER A 200 8.17 3.71 -9.14
C SER A 200 8.90 2.38 -9.24
N GLY A 201 9.48 1.89 -8.14
CA GLY A 201 10.08 0.58 -8.24
C GLY A 201 9.17 -0.57 -7.85
N GLY A 202 7.92 -0.25 -7.53
CA GLY A 202 7.05 -1.17 -6.85
C GLY A 202 7.12 -1.07 -5.34
N TYR A 203 8.10 -0.37 -4.80
CA TYR A 203 8.24 -0.26 -3.35
C TYR A 203 7.02 0.44 -2.75
N MET A 204 6.39 -0.13 -1.74
CA MET A 204 5.18 0.45 -1.14
C MET A 204 5.61 1.69 -0.43
N ALA A 205 4.85 2.76 -0.56
CA ALA A 205 5.13 4.06 0.01
C ALA A 205 4.70 3.97 1.45
N ALA A 206 5.55 4.33 2.39
CA ALA A 206 5.28 4.31 3.83
C ALA A 206 5.91 5.56 4.39
N ASN A 207 5.28 6.30 5.27
CA ASN A 207 5.75 7.50 5.96
C ASN A 207 6.33 8.50 4.98
N GLU A 208 5.54 8.85 3.96
CA GLU A 208 6.00 9.84 2.98
C GLU A 208 4.83 10.42 2.21
N TRP A 209 5.09 11.54 1.56
CA TRP A 209 4.09 12.28 0.83
C TRP A 209 4.06 11.87 -0.62
N ILE A 210 2.86 11.88 -1.21
CA ILE A 210 2.65 11.49 -2.60
C ILE A 210 1.70 12.48 -3.26
N TRP A 211 2.03 12.94 -4.45
CA TRP A 211 1.22 13.83 -5.26
C TRP A 211 0.65 13.04 -6.42
N ASP A 212 -0.68 12.98 -6.52
CA ASP A 212 -1.28 12.18 -7.59
C ASP A 212 -1.65 13.06 -8.79
N LYS A 213 -2.86 13.62 -8.80
CA LYS A 213 -3.27 14.43 -9.95
C LYS A 213 -3.46 15.88 -9.57
N GLU A 214 -4.04 16.13 -8.42
CA GLU A 214 -4.36 17.48 -8.01
C GLU A 214 -4.16 17.76 -6.53
N SER A 215 -3.97 16.77 -5.68
CA SER A 215 -3.70 17.04 -4.27
C SER A 215 -2.68 16.05 -3.72
N TRP A 216 -2.42 16.20 -2.42
CA TRP A 216 -1.38 15.48 -1.73
C TRP A 216 -2.00 14.36 -0.90
N PHE A 217 -1.25 13.27 -0.76
CA PHE A 217 -1.61 12.14 0.06
C PHE A 217 -0.42 11.84 0.96
N TYR A 218 -0.72 11.36 2.16
CA TYR A 218 0.31 10.93 3.09
C TYR A 218 0.09 9.48 3.47
N LEU A 219 1.16 8.71 3.46
CA LEU A 219 1.14 7.30 3.78
C LEU A 219 1.83 7.07 5.11
N LYS A 220 1.18 6.32 6.00
CA LYS A 220 1.58 6.23 7.40
C LYS A 220 2.59 5.11 7.61
N PHE A 221 2.88 4.77 8.87
CA PHE A 221 3.92 3.79 9.19
C PHE A 221 3.73 2.47 8.45
N ASP A 222 2.52 1.94 8.40
CA ASP A 222 2.26 0.66 7.75
C ASP A 222 1.88 0.81 6.28
N GLY A 223 2.08 2.00 5.70
CA GLY A 223 1.74 2.22 4.31
C GLY A 223 0.29 2.54 4.05
N LYS A 224 -0.54 2.57 5.09
CA LYS A 224 -1.94 2.91 4.91
C LYS A 224 -2.08 4.38 4.59
N ILE A 225 -3.01 4.70 3.70
CA ILE A 225 -3.34 6.09 3.43
C ILE A 225 -3.88 6.75 4.70
N ALA A 226 -3.47 8.00 4.92
CA ALA A 226 -3.98 8.81 6.01
C ALA A 226 -5.28 9.48 5.56
N GLU A 227 -6.31 9.39 6.40
CA GLU A 227 -7.61 9.93 6.05
C GLU A 227 -8.42 10.16 7.32
N LYS A 228 -9.21 11.25 7.31
CA LYS A 228 -10.09 11.64 8.43
C LYS A 228 -9.30 11.85 9.73
N GLU A 229 -8.08 12.37 9.63
CA GLU A 229 -7.20 12.47 10.78
C GLU A 229 -6.18 13.57 10.56
N TRP A 230 -5.50 13.92 11.65
CA TRP A 230 -4.39 14.87 11.63
C TRP A 230 -3.07 14.12 11.71
N VAL A 231 -2.06 14.70 11.07
CA VAL A 231 -0.69 14.19 11.16
C VAL A 231 0.25 15.37 11.32
N TYR A 232 1.17 15.26 12.27
CA TYR A 232 2.15 16.30 12.54
C TYR A 232 3.41 15.97 11.78
N ASP A 233 3.87 16.90 10.94
CA ASP A 233 5.10 16.73 10.16
C ASP A 233 6.24 17.37 10.94
N SER A 234 7.08 16.54 11.54
CA SER A 234 8.21 17.06 12.34
C SER A 234 9.31 17.62 11.46
N HIS A 235 9.39 17.16 10.19
CA HIS A 235 10.22 17.87 9.20
C HIS A 235 9.71 19.29 8.96
N SER A 236 8.46 19.40 8.48
CA SER A 236 7.85 20.66 8.15
C SER A 236 7.45 21.49 9.35
N GLN A 237 7.44 20.91 10.55
CA GLN A 237 7.01 21.59 11.78
C GLN A 237 5.61 22.20 11.62
N ALA A 238 4.66 21.33 11.27
CA ALA A 238 3.29 21.76 10.99
C ALA A 238 2.32 20.58 11.04
N TRP A 239 1.05 20.93 11.26
CA TRP A 239 -0.06 19.98 11.32
C TRP A 239 -0.80 19.98 9.98
N TYR A 240 -1.15 18.79 9.51
CA TYR A 240 -1.91 18.64 8.27
C TYR A 240 -3.16 17.83 8.59
N TYR A 241 -4.16 17.95 7.74
CA TYR A 241 -5.39 17.17 7.90
C TYR A 241 -5.73 16.52 6.56
N PHE A 242 -6.23 15.28 6.61
CA PHE A 242 -6.62 14.51 5.42
C PHE A 242 -8.06 14.03 5.56
N LYS A 243 -8.83 14.12 4.46
CA LYS A 243 -10.26 13.88 4.52
C LYS A 243 -10.63 12.52 3.94
N SER A 244 -11.93 12.30 3.71
CA SER A 244 -12.47 10.98 3.40
C SER A 244 -11.61 10.15 2.46
N GLY A 245 -11.14 10.75 1.38
CA GLY A 245 -10.36 9.97 0.44
C GLY A 245 -8.86 9.98 0.68
N GLY A 246 -8.41 10.53 1.79
CA GLY A 246 -7.00 10.78 1.98
C GLY A 246 -6.52 12.11 1.45
N TYR A 247 -7.34 12.80 0.63
CA TYR A 247 -6.98 14.10 0.10
C TYR A 247 -6.64 15.03 1.26
N MET A 248 -5.45 15.63 1.23
CA MET A 248 -5.01 16.62 2.20
C MET A 248 -5.84 17.82 1.93
N ALA A 249 -6.38 18.46 2.93
CA ALA A 249 -7.17 19.66 2.71
C ALA A 249 -6.21 20.85 2.76
N ALA A 250 -6.45 21.86 1.93
CA ALA A 250 -5.61 23.03 1.71
C ALA A 250 -6.49 24.15 1.19
N ASN A 251 -6.51 25.36 1.74
CA ASN A 251 -7.31 26.56 1.40
C ASN A 251 -8.76 26.37 1.78
N GLU A 252 -9.05 25.66 2.86
CA GLU A 252 -10.42 25.37 3.21
C GLU A 252 -10.47 25.11 4.67
N TRP A 253 -11.69 25.07 5.18
CA TRP A 253 -11.97 25.00 6.60
C TRP A 253 -12.41 23.59 6.98
N ILE A 254 -12.30 23.26 8.27
CA ILE A 254 -12.50 21.91 8.78
C ILE A 254 -13.02 22.03 10.20
N TRP A 255 -13.96 21.17 10.57
CA TRP A 255 -14.43 21.07 11.95
C TRP A 255 -13.87 19.81 12.59
N ASP A 256 -13.26 19.94 13.78
CA ASP A 256 -12.78 18.80 14.54
C ASP A 256 -12.97 19.08 16.01
N LYS A 257 -12.80 18.05 16.85
CA LYS A 257 -13.03 18.18 18.29
C LYS A 257 -14.39 18.84 18.47
N GLU A 258 -14.38 20.09 18.90
CA GLU A 258 -15.55 20.97 18.80
C GLU A 258 -15.12 22.37 18.30
N SER A 259 -14.03 22.54 17.55
CA SER A 259 -13.57 23.87 17.11
C SER A 259 -13.44 23.91 15.61
N TRP A 260 -13.68 25.04 14.97
CA TRP A 260 -13.44 25.24 13.53
C TRP A 260 -11.94 25.34 13.37
N PHE A 261 -11.40 24.93 12.24
CA PHE A 261 -9.95 24.98 11.93
C PHE A 261 -9.80 25.46 10.50
N TYR A 262 -8.66 25.97 10.15
CA TYR A 262 -8.46 26.41 8.77
C TYR A 262 -7.10 25.97 8.27
N LEU A 263 -7.07 25.41 7.07
CA LEU A 263 -5.86 24.86 6.46
C LEU A 263 -5.48 25.70 5.26
N LYS A 264 -4.21 26.09 5.20
CA LYS A 264 -3.75 27.11 4.29
C LYS A 264 -3.38 26.50 2.94
N PHE A 265 -2.81 27.33 2.05
CA PHE A 265 -2.59 26.92 0.67
C PHE A 265 -1.82 25.60 0.60
N ASP A 266 -0.90 25.39 1.52
CA ASP A 266 0.00 24.24 1.47
C ASP A 266 -0.41 23.13 2.42
N GLY A 267 -1.65 23.16 2.90
CA GLY A 267 -2.11 22.16 3.83
C GLY A 267 -1.66 22.35 5.25
N LYS A 268 -0.85 23.37 5.53
CA LYS A 268 -0.46 23.67 6.90
C LYS A 268 -1.65 24.25 7.65
N MET A 269 -1.89 23.72 8.85
CA MET A 269 -2.95 24.26 9.69
C MET A 269 -2.54 25.65 10.16
N ALA A 270 -3.49 26.59 10.09
CA ALA A 270 -3.24 27.95 10.54
C ALA A 270 -3.12 27.97 12.06
N GLU A 271 -2.08 28.64 12.56
CA GLU A 271 -1.81 28.64 13.99
C GLU A 271 -1.16 29.96 14.37
N LYS A 272 -1.69 30.58 15.43
CA LYS A 272 -1.10 31.79 16.02
C LYS A 272 -1.01 32.93 14.99
N GLU A 273 -2.08 33.12 14.23
CA GLU A 273 -2.05 34.07 13.12
C GLU A 273 -3.46 34.44 12.70
N TRP A 274 -3.52 35.50 11.88
CA TRP A 274 -4.74 35.94 11.24
C TRP A 274 -4.86 35.34 9.84
N VAL A 275 -6.10 35.20 9.36
CA VAL A 275 -6.38 34.76 8.00
C VAL A 275 -7.57 35.56 7.47
N TYR A 276 -7.56 35.81 6.17
CA TYR A 276 -8.62 36.53 5.49
C TYR A 276 -9.33 35.57 4.54
N ASP A 277 -10.60 35.29 4.81
CA ASP A 277 -11.38 34.49 3.89
C ASP A 277 -11.72 35.30 2.65
N SER A 278 -11.66 34.65 1.49
CA SER A 278 -11.84 35.34 0.21
C SER A 278 -13.27 35.29 -0.31
N HIS A 279 -14.02 34.25 0.05
CA HIS A 279 -15.45 34.12 -0.30
C HIS A 279 -16.31 34.59 0.88
N SER A 280 -15.76 34.75 2.07
CA SER A 280 -16.49 35.34 3.19
C SER A 280 -16.10 36.79 3.45
N GLN A 281 -14.95 37.23 2.93
CA GLN A 281 -14.51 38.62 3.03
C GLN A 281 -14.52 39.12 4.47
N ALA A 282 -13.89 38.34 5.35
CA ALA A 282 -13.78 38.69 6.75
C ALA A 282 -12.50 38.10 7.30
N TRP A 283 -12.04 38.64 8.41
CA TRP A 283 -10.83 38.18 9.08
C TRP A 283 -11.16 37.24 10.22
N TYR A 284 -10.27 36.28 10.45
CA TYR A 284 -10.41 35.31 11.52
C TYR A 284 -9.05 35.14 12.19
N TYR A 285 -9.06 34.69 13.44
CA TYR A 285 -7.81 34.49 14.16
C TYR A 285 -7.81 33.16 14.90
N PHE A 286 -6.66 32.47 14.85
CA PHE A 286 -6.51 31.16 15.45
C PHE A 286 -5.45 31.17 16.53
N LYS A 287 -5.75 30.55 17.66
CA LYS A 287 -4.89 30.52 18.82
C LYS A 287 -3.67 29.62 18.58
N SER A 288 -2.78 29.57 19.58
CA SER A 288 -1.79 28.51 19.64
C SER A 288 -2.53 27.18 19.74
N GLY A 289 -2.30 26.32 18.74
CA GLY A 289 -3.06 25.09 18.63
C GLY A 289 -4.09 25.10 17.52
N GLY A 290 -4.28 26.21 16.83
CA GLY A 290 -5.13 26.29 15.67
C GLY A 290 -6.59 26.57 15.98
N TYR A 291 -7.02 26.46 17.20
CA TYR A 291 -8.43 26.62 17.55
C TYR A 291 -8.97 28.01 17.20
N MET A 292 -9.93 28.14 16.29
CA MET A 292 -10.63 29.39 15.96
C MET A 292 -11.01 30.13 17.21
N THR A 293 -10.54 31.36 17.36
CA THR A 293 -11.03 32.17 18.45
C THR A 293 -12.35 32.72 17.97
N ALA A 294 -13.36 32.71 18.81
CA ALA A 294 -14.66 33.28 18.55
C ALA A 294 -15.20 33.70 19.92
N ASN A 295 -16.02 34.76 19.93
CA ASN A 295 -16.49 35.44 21.14
C ASN A 295 -15.44 35.38 22.25
N GLU A 296 -14.34 36.10 22.05
CA GLU A 296 -13.19 36.30 22.98
C GLU A 296 -12.25 37.33 22.35
N TRP A 297 -11.55 38.10 23.18
CA TRP A 297 -10.59 39.15 22.81
C TRP A 297 -9.23 38.59 22.45
N ILE A 298 -8.48 39.29 21.61
CA ILE A 298 -7.10 39.00 21.21
C ILE A 298 -6.34 40.31 21.10
N TRP A 299 -5.08 40.30 21.53
CA TRP A 299 -4.23 41.48 21.50
C TRP A 299 -3.07 41.26 20.53
N ASP A 300 -3.11 41.91 19.37
CA ASP A 300 -2.07 41.65 18.38
C ASP A 300 -0.94 42.67 18.49
N LYS A 301 -1.07 43.82 17.85
CA LYS A 301 0.02 44.79 17.86
C LYS A 301 -0.57 46.18 18.11
N GLU A 302 -0.49 46.63 19.36
CA GLU A 302 -0.97 47.96 19.76
C GLU A 302 -2.48 48.09 19.63
N SER A 303 -3.20 46.98 19.56
CA SER A 303 -4.64 47.01 19.30
C SER A 303 -5.32 45.75 19.82
N TRP A 304 -6.54 45.93 20.33
CA TRP A 304 -7.41 44.85 20.76
C TRP A 304 -8.42 44.55 19.67
N PHE A 305 -8.80 43.29 19.54
CA PHE A 305 -9.83 42.89 18.58
C PHE A 305 -10.82 41.97 19.25
N TYR A 306 -12.06 42.01 18.77
CA TYR A 306 -13.10 41.11 19.24
C TYR A 306 -13.57 40.24 18.09
N LEU A 307 -13.63 38.94 18.32
CA LEU A 307 -14.15 37.97 17.38
C LEU A 307 -15.44 37.40 17.96
N LYS A 308 -16.53 37.46 17.20
CA LYS A 308 -17.84 37.29 17.79
C LYS A 308 -18.22 35.82 17.91
N SER A 309 -19.49 35.57 18.23
CA SER A 309 -19.98 34.20 18.46
C SER A 309 -19.56 33.24 17.33
N ASP A 310 -19.58 33.71 16.08
CA ASP A 310 -19.24 32.88 14.92
C ASP A 310 -17.80 33.06 14.46
N GLY A 311 -16.96 33.79 15.15
CA GLY A 311 -15.54 33.92 14.81
C GLY A 311 -15.21 35.06 13.87
N LYS A 312 -16.17 35.81 13.42
CA LYS A 312 -15.88 36.89 12.47
C LYS A 312 -15.36 38.07 13.29
N ILE A 313 -14.53 38.92 12.69
CA ILE A 313 -13.89 40.09 13.32
C ILE A 313 -14.92 41.17 13.57
N ALA A 314 -14.96 41.86 14.69
CA ALA A 314 -15.98 42.89 14.92
C ALA A 314 -15.42 44.20 14.36
N GLU A 315 -16.04 44.84 13.37
CA GLU A 315 -15.52 46.09 12.80
C GLU A 315 -16.61 46.97 12.17
N LYS A 316 -16.63 48.28 12.46
CA LYS A 316 -17.67 49.29 12.12
C LYS A 316 -18.94 48.90 12.86
N GLU A 317 -18.87 48.50 14.13
CA GLU A 317 -20.06 48.05 14.82
C GLU A 317 -19.81 48.11 16.33
N TRP A 318 -20.85 48.07 17.13
CA TRP A 318 -20.76 48.08 18.60
C TRP A 318 -20.88 46.66 19.13
N VAL A 319 -20.43 46.34 20.35
CA VAL A 319 -20.65 45.00 20.96
C VAL A 319 -20.75 45.20 22.46
N TYR A 320 -21.67 44.53 23.13
CA TYR A 320 -21.69 44.51 24.60
C TYR A 320 -20.86 43.31 25.01
N ASP A 321 -20.04 43.41 26.04
CA ASP A 321 -19.26 42.31 26.61
C ASP A 321 -19.69 42.13 28.06
N SER A 322 -20.41 41.04 28.34
CA SER A 322 -21.02 40.85 29.64
C SER A 322 -20.00 40.53 30.73
N HIS A 323 -18.85 39.94 30.35
CA HIS A 323 -17.84 39.61 31.36
C HIS A 323 -17.32 40.88 32.03
N SER A 324 -16.87 41.85 31.23
CA SER A 324 -16.47 43.15 31.76
C SER A 324 -17.66 44.10 31.92
N GLN A 325 -18.83 43.79 31.41
CA GLN A 325 -20.07 44.57 31.56
C GLN A 325 -19.87 46.01 31.06
N ALA A 326 -19.65 46.21 29.76
CA ALA A 326 -19.65 47.56 29.12
C ALA A 326 -19.75 47.44 27.61
N TRP A 327 -19.95 48.54 26.92
CA TRP A 327 -20.05 48.56 25.47
C TRP A 327 -18.74 49.04 24.87
N TYR A 328 -18.32 48.49 23.72
CA TYR A 328 -17.13 48.79 22.93
C TYR A 328 -17.52 49.08 21.49
N TYR A 329 -16.69 49.87 20.80
CA TYR A 329 -16.88 50.16 19.39
C TYR A 329 -15.62 49.84 18.61
N PHE A 330 -15.77 49.17 17.47
CA PHE A 330 -14.66 48.73 16.65
C PHE A 330 -14.71 49.43 15.31
N LYS A 331 -13.60 50.05 14.94
CA LYS A 331 -13.50 50.83 13.72
C LYS A 331 -13.30 49.91 12.52
N SER A 332 -13.10 50.50 11.35
CA SER A 332 -12.74 49.79 10.09
C SER A 332 -11.49 48.97 10.37
N GLY A 333 -11.51 47.64 10.21
CA GLY A 333 -10.37 46.78 10.47
C GLY A 333 -10.38 46.10 11.81
N GLY A 334 -11.37 46.36 12.67
CA GLY A 334 -11.49 45.71 13.95
C GLY A 334 -10.81 46.43 15.10
N TYR A 335 -10.10 47.50 14.80
CA TYR A 335 -9.36 48.26 15.81
C TYR A 335 -10.32 48.75 16.88
N MET A 336 -10.27 48.23 18.09
CA MET A 336 -11.16 48.68 19.16
C MET A 336 -10.81 50.12 19.51
N THR A 337 -11.80 50.98 19.75
CA THR A 337 -11.61 52.43 19.95
C THR A 337 -11.36 52.76 21.41
N ALA A 338 -10.42 53.67 21.71
CA ALA A 338 -10.10 54.05 23.09
C ALA A 338 -9.62 55.50 23.11
N ASN A 339 -10.04 56.23 24.14
CA ASN A 339 -9.71 57.66 24.32
C ASN A 339 -10.13 58.48 23.11
N GLU A 340 -11.36 58.25 22.65
CA GLU A 340 -11.86 58.86 21.44
C GLU A 340 -13.36 59.10 21.57
N TRP A 341 -13.85 60.08 20.85
CA TRP A 341 -15.28 60.28 20.67
C TRP A 341 -15.69 59.63 19.36
N ILE A 342 -17.00 59.36 19.24
CA ILE A 342 -17.57 58.92 17.98
C ILE A 342 -19.02 59.39 17.93
N TRP A 343 -19.49 59.71 16.72
CA TRP A 343 -20.87 60.13 16.51
C TRP A 343 -21.65 58.95 15.96
N ASP A 344 -22.70 58.53 16.66
CA ASP A 344 -23.60 57.43 16.22
C ASP A 344 -25.01 57.79 16.66
N LYS A 345 -25.98 56.92 16.46
CA LYS A 345 -27.37 57.17 16.88
C LYS A 345 -27.76 58.60 16.48
N GLU A 346 -27.92 59.48 17.47
CA GLU A 346 -27.97 60.93 17.20
C GLU A 346 -27.11 61.72 18.16
N SER A 347 -26.51 61.10 19.14
CA SER A 347 -25.72 61.77 20.14
C SER A 347 -24.24 61.44 19.92
N TRP A 348 -23.43 61.83 20.90
CA TRP A 348 -22.00 61.55 20.94
C TRP A 348 -21.75 60.40 21.92
N PHE A 349 -20.61 59.73 21.74
CA PHE A 349 -20.20 58.67 22.65
C PHE A 349 -18.71 58.79 22.88
N TYR A 350 -18.29 58.65 24.13
CA TYR A 350 -16.88 58.65 24.48
C TYR A 350 -16.49 57.27 25.00
N LEU A 351 -15.33 56.79 24.54
CA LEU A 351 -14.83 55.47 24.90
C LEU A 351 -13.54 55.64 25.70
N LYS A 352 -13.52 55.06 26.90
CA LYS A 352 -12.43 55.29 27.84
C LYS A 352 -11.16 54.59 27.36
N SER A 353 -10.10 54.71 28.17
CA SER A 353 -8.80 54.19 27.78
C SER A 353 -8.82 52.69 27.60
N ASP A 354 -9.50 51.97 28.50
CA ASP A 354 -9.60 50.51 28.38
C ASP A 354 -10.57 50.09 27.30
N GLY A 355 -11.16 51.03 26.57
CA GLY A 355 -12.14 50.72 25.55
C GLY A 355 -13.58 50.78 26.01
N LYS A 356 -13.82 50.68 27.32
CA LYS A 356 -15.19 50.69 27.84
C LYS A 356 -15.86 52.02 27.53
N MET A 357 -17.08 51.97 27.03
CA MET A 357 -17.83 53.19 26.79
C MET A 357 -18.27 53.80 28.12
N ALA A 358 -18.25 55.12 28.20
CA ALA A 358 -18.79 55.83 29.36
C ALA A 358 -20.30 55.74 29.34
N GLU A 359 -20.89 55.38 30.49
CA GLU A 359 -22.30 55.02 30.53
C GLU A 359 -23.04 55.87 31.57
N LYS A 360 -22.68 55.71 32.85
CA LYS A 360 -23.42 56.37 33.93
C LYS A 360 -22.46 57.05 34.88
N GLU A 361 -21.83 58.11 34.40
CA GLU A 361 -20.71 58.64 35.14
C GLU A 361 -20.33 59.99 34.59
N TRP A 362 -19.62 60.75 35.39
CA TRP A 362 -19.10 62.06 34.96
C TRP A 362 -17.69 61.79 34.46
N VAL A 363 -17.24 62.31 33.33
CA VAL A 363 -15.84 62.10 32.86
C VAL A 363 -15.21 63.44 32.53
N TYR A 364 -13.95 63.67 32.88
CA TYR A 364 -13.20 64.88 32.54
C TYR A 364 -12.42 64.58 31.27
N ASP A 365 -12.78 65.18 30.16
CA ASP A 365 -12.04 65.06 28.90
C ASP A 365 -10.88 66.02 28.98
N SER A 366 -9.64 65.55 29.09
CA SER A 366 -8.45 66.41 29.15
C SER A 366 -8.31 67.18 27.84
N HIS A 367 -8.62 66.54 26.73
CA HIS A 367 -8.57 67.11 25.37
C HIS A 367 -9.30 68.44 25.35
N SER A 368 -10.60 68.46 25.56
CA SER A 368 -11.39 69.71 25.51
C SER A 368 -11.42 70.40 26.86
N GLN A 369 -10.85 69.80 27.91
CA GLN A 369 -10.75 70.35 29.27
C GLN A 369 -12.14 70.64 29.78
N ALA A 370 -12.97 69.61 29.91
CA ALA A 370 -14.36 69.82 30.24
C ALA A 370 -14.89 68.62 31.00
N TRP A 371 -16.02 68.82 31.67
CA TRP A 371 -16.70 67.78 32.41
C TRP A 371 -17.96 67.42 31.63
N TYR A 372 -18.03 66.19 31.14
CA TYR A 372 -19.20 65.69 30.43
C TYR A 372 -19.88 64.63 31.28
N TYR A 373 -21.17 64.45 31.04
CA TYR A 373 -21.94 63.40 31.68
C TYR A 373 -22.63 62.54 30.63
N PHE A 374 -22.70 61.24 30.88
CA PHE A 374 -23.37 60.30 29.99
C PHE A 374 -24.44 59.53 30.76
N LYS A 375 -25.60 59.35 30.13
CA LYS A 375 -26.71 58.66 30.75
C LYS A 375 -26.62 57.17 30.47
N SER A 376 -27.47 56.39 31.14
CA SER A 376 -27.51 54.95 30.89
C SER A 376 -27.65 54.69 29.41
N GLY A 377 -26.71 53.93 28.86
CA GLY A 377 -26.61 53.77 27.43
C GLY A 377 -25.58 54.66 26.75
N GLY A 378 -24.74 55.37 27.51
CA GLY A 378 -23.66 56.15 26.93
C GLY A 378 -24.06 57.42 26.21
N TYR A 379 -25.33 57.80 26.25
CA TYR A 379 -25.77 59.02 25.56
C TYR A 379 -25.28 60.24 26.32
N MET A 380 -24.43 61.05 25.67
CA MET A 380 -23.97 62.28 26.30
C MET A 380 -25.17 63.14 26.66
N ALA A 381 -25.07 63.85 27.77
CA ALA A 381 -26.07 64.82 28.17
C ALA A 381 -25.64 66.19 27.66
N LYS A 382 -26.55 66.98 27.06
CA LYS A 382 -26.20 68.32 26.49
C LYS A 382 -27.05 69.51 27.01
N ASN A 383 -28.42 69.50 26.92
CA ASN A 383 -29.20 70.63 27.44
C ASN A 383 -30.12 70.16 28.55
N GLU A 384 -29.56 69.99 29.75
CA GLU A 384 -30.33 69.49 30.88
C GLU A 384 -29.51 69.68 32.15
N THR A 385 -30.05 69.19 33.26
CA THR A 385 -29.42 69.30 34.57
C THR A 385 -29.28 67.92 35.18
N VAL A 386 -28.16 67.66 35.82
CA VAL A 386 -27.94 66.43 36.58
C VAL A 386 -27.36 66.82 37.94
N ASP A 387 -28.09 66.48 39.01
CA ASP A 387 -27.67 66.81 40.37
C ASP A 387 -27.43 68.31 40.55
N GLY A 388 -28.30 69.11 39.93
CA GLY A 388 -28.13 70.55 39.96
C GLY A 388 -26.94 71.07 39.17
N TYR A 389 -26.43 70.29 38.21
CA TYR A 389 -25.30 70.66 37.38
C TYR A 389 -25.80 70.96 35.97
N GLN A 390 -25.62 72.21 35.54
CA GLN A 390 -26.07 72.59 34.20
C GLN A 390 -25.13 72.01 33.14
N LEU A 391 -25.68 71.84 31.93
CA LEU A 391 -24.90 71.35 30.80
C LEU A 391 -25.30 72.14 29.57
N GLY A 392 -24.30 72.48 28.74
CA GLY A 392 -24.52 73.34 27.59
C GLY A 392 -24.82 72.57 26.31
N SER A 393 -25.07 73.33 25.22
CA SER A 393 -25.38 72.93 23.82
C SER A 393 -24.38 71.94 23.30
N ASP A 394 -23.21 71.91 23.89
CA ASP A 394 -22.11 71.08 23.41
C ASP A 394 -21.80 69.91 24.32
N GLY A 395 -22.43 69.82 25.48
CA GLY A 395 -22.18 68.76 26.45
C GLY A 395 -21.32 69.17 27.63
N LYS A 396 -20.66 70.32 27.55
CA LYS A 396 -19.79 70.77 28.62
C LYS A 396 -20.58 71.19 29.85
N TRP A 397 -19.94 71.11 31.02
CA TRP A 397 -20.52 71.59 32.26
C TRP A 397 -20.34 73.11 32.34
N LEU A 398 -21.45 73.88 32.40
CA LEU A 398 -21.41 75.35 32.48
C LEU A 398 -21.24 75.77 33.93
N GLY A 399 -20.01 75.72 34.41
CA GLY A 399 -19.67 76.09 35.78
C GLY A 399 -18.59 75.22 36.39
#